data_3JWJ
#
_entry.id   3JWJ
#
_cell.length_a   33.640
_cell.length_b   175.217
_cell.length_c   146.314
_cell.angle_alpha   90.000
_cell.angle_beta   90.000
_cell.angle_gamma   90.000
#
_symmetry.space_group_name_H-M   'C 2 2 21'
#
loop_
_entity.id
_entity.type
_entity.pdbx_description
1 polymer Hen1
2 water water
#
_entity_poly.entity_id   1
_entity_poly.type   'polypeptide(L)'
_entity_poly.pdbx_seq_one_letter_code
;ISLNQQRMNGVVAALKQSNARRVIDLGCGQGNLLKILLKDSFFEQITGVDVSYRSLEIAQERLDRLRLPRNQWERLQLIQ
GALTYQDKRFHGYDAATVIEVIEHLDLSRLGAFERVLFEFAQPKIVIVTTPNIEYNVKFANLPAGKLRHKDHRFEWTRSQ
FQNWANKITERFAYNVQFQPIGEADPEVGSPTQMAVFIHRGH
;
_entity_poly.pdbx_strand_id   A,B
#
# COMPACT_ATOMS: atom_id res chain seq x y z
N SER A 2 -15.38 -20.13 29.31
CA SER A 2 -14.72 -20.64 28.07
C SER A 2 -13.63 -19.71 27.57
N LEU A 3 -12.96 -20.11 26.49
CA LEU A 3 -11.90 -19.31 25.92
C LEU A 3 -12.50 -18.21 25.06
N ASN A 4 -13.44 -18.59 24.20
CA ASN A 4 -14.08 -17.60 23.35
C ASN A 4 -14.59 -16.44 24.23
N GLN A 5 -15.31 -16.78 25.29
CA GLN A 5 -15.84 -15.79 26.20
C GLN A 5 -14.70 -14.93 26.77
N GLN A 6 -13.64 -15.59 27.21
CA GLN A 6 -12.49 -14.90 27.78
C GLN A 6 -11.89 -13.94 26.75
N ARG A 7 -12.01 -14.32 25.47
CA ARG A 7 -11.50 -13.53 24.38
C ARG A 7 -12.37 -12.28 24.23
N MET A 8 -13.67 -12.46 24.35
CA MET A 8 -14.60 -11.35 24.24
C MET A 8 -14.36 -10.35 25.38
N ASN A 9 -14.12 -10.87 26.59
CA ASN A 9 -13.87 -10.01 27.75
C ASN A 9 -12.57 -9.24 27.57
N GLY A 10 -11.54 -9.93 27.11
CA GLY A 10 -10.26 -9.30 26.90
C GLY A 10 -10.37 -8.18 25.89
N VAL A 11 -11.03 -8.46 24.77
CA VAL A 11 -11.19 -7.47 23.74
C VAL A 11 -11.95 -6.24 24.26
N VAL A 12 -13.09 -6.47 24.91
CA VAL A 12 -13.91 -5.39 25.44
C VAL A 12 -13.16 -4.57 26.50
N ALA A 13 -12.33 -5.24 27.28
CA ALA A 13 -11.57 -4.58 28.33
C ALA A 13 -10.50 -3.69 27.70
N ALA A 14 -9.84 -4.21 26.66
CA ALA A 14 -8.80 -3.47 25.97
C ALA A 14 -9.39 -2.23 25.27
N LEU A 15 -10.65 -2.32 24.86
CA LEU A 15 -11.30 -1.21 24.17
C LEU A 15 -11.65 -0.08 25.15
N LYS A 16 -12.15 -0.45 26.33
CA LYS A 16 -12.51 0.54 27.32
C LYS A 16 -11.31 1.22 27.93
N GLN A 17 -10.21 0.49 28.10
CA GLN A 17 -9.03 1.11 28.70
C GLN A 17 -8.46 2.12 27.71
N SER A 18 -8.75 1.93 26.43
CA SER A 18 -8.30 2.82 25.38
C SER A 18 -9.32 3.90 25.08
N ASN A 19 -10.42 3.91 25.84
CA ASN A 19 -11.49 4.88 25.66
C ASN A 19 -11.95 4.89 24.20
N ALA A 20 -11.95 3.72 23.58
CA ALA A 20 -12.38 3.59 22.20
C ALA A 20 -13.89 3.36 22.18
N ARG A 21 -14.64 4.41 21.84
CA ARG A 21 -16.11 4.35 21.83
C ARG A 21 -16.69 3.89 20.50
N ARG A 22 -16.10 4.37 19.41
CA ARG A 22 -16.54 4.05 18.06
C ARG A 22 -15.73 2.88 17.54
N VAL A 23 -16.41 1.74 17.44
CA VAL A 23 -15.77 0.50 17.05
C VAL A 23 -16.29 -0.11 15.76
N ILE A 24 -15.35 -0.58 14.94
CA ILE A 24 -15.68 -1.24 13.68
C ILE A 24 -14.97 -2.59 13.70
N ASP A 25 -15.78 -3.64 13.69
CA ASP A 25 -15.25 -5.00 13.74
C ASP A 25 -15.11 -5.57 12.32
N LEU A 26 -13.87 -5.79 11.91
CA LEU A 26 -13.59 -6.32 10.57
C LEU A 26 -13.61 -7.84 10.53
N GLY A 27 -14.50 -8.36 9.69
CA GLY A 27 -14.63 -9.80 9.57
C GLY A 27 -15.45 -10.21 10.76
N CYS A 28 -16.55 -9.47 10.98
CA CYS A 28 -17.44 -9.70 12.10
C CYS A 28 -18.24 -11.01 12.11
N GLY A 29 -18.22 -11.74 11.01
CA GLY A 29 -18.95 -12.99 10.97
C GLY A 29 -20.42 -12.89 11.35
N GLN A 30 -20.85 -13.73 12.30
CA GLN A 30 -22.24 -13.76 12.76
C GLN A 30 -22.61 -12.84 13.92
N GLY A 31 -21.73 -11.88 14.24
CA GLY A 31 -22.01 -10.92 15.30
C GLY A 31 -21.86 -11.24 16.77
N ASN A 32 -20.97 -12.16 17.14
CA ASN A 32 -20.78 -12.48 18.54
C ASN A 32 -20.29 -11.26 19.34
N LEU A 33 -19.30 -10.58 18.79
CA LEU A 33 -18.75 -9.40 19.43
C LEU A 33 -19.70 -8.20 19.30
N LEU A 34 -20.38 -8.11 18.17
CA LEU A 34 -21.32 -7.01 17.95
C LEU A 34 -22.41 -7.03 18.98
N LYS A 35 -22.85 -8.23 19.35
CA LYS A 35 -23.92 -8.38 20.32
C LYS A 35 -23.47 -7.81 21.65
N ILE A 36 -22.31 -8.28 22.11
CA ILE A 36 -21.76 -7.82 23.36
C ILE A 36 -21.53 -6.31 23.35
N LEU A 37 -21.07 -5.77 22.23
CA LEU A 37 -20.81 -4.34 22.13
C LEU A 37 -22.10 -3.50 22.07
N LEU A 38 -23.19 -4.06 21.57
CA LEU A 38 -24.46 -3.32 21.46
C LEU A 38 -25.26 -3.27 22.76
N LYS A 39 -25.02 -4.22 23.66
CA LYS A 39 -25.73 -4.25 24.94
C LYS A 39 -25.07 -3.32 25.93
N ASP A 40 -23.88 -2.85 25.60
CA ASP A 40 -23.15 -1.99 26.51
C ASP A 40 -23.13 -0.53 26.08
N SER A 41 -23.92 0.30 26.76
CA SER A 41 -24.04 1.72 26.45
C SER A 41 -22.71 2.47 26.38
N PHE A 42 -21.66 1.88 26.92
CA PHE A 42 -20.34 2.52 26.87
C PHE A 42 -19.99 2.84 25.43
N PHE A 43 -20.32 1.92 24.53
CA PHE A 43 -20.01 2.11 23.12
C PHE A 43 -21.01 3.00 22.42
N GLU A 44 -20.51 3.82 21.50
CA GLU A 44 -21.35 4.77 20.80
C GLU A 44 -21.59 4.42 19.33
N GLN A 45 -20.70 3.64 18.73
CA GLN A 45 -20.84 3.23 17.34
C GLN A 45 -20.34 1.79 17.28
N ILE A 46 -21.19 0.90 16.77
CA ILE A 46 -20.85 -0.51 16.64
C ILE A 46 -21.02 -0.84 15.18
N THR A 47 -19.92 -0.97 14.45
CA THR A 47 -19.99 -1.29 13.03
C THR A 47 -19.41 -2.65 12.71
N GLY A 48 -20.20 -3.51 12.07
CA GLY A 48 -19.72 -4.82 11.70
C GLY A 48 -19.54 -4.92 10.20
N VAL A 49 -18.41 -5.48 9.77
CA VAL A 49 -18.11 -5.64 8.34
C VAL A 49 -17.79 -7.10 8.03
N ASP A 50 -18.33 -7.59 6.92
CA ASP A 50 -18.05 -8.96 6.51
C ASP A 50 -18.27 -9.12 5.01
N VAL A 51 -17.55 -10.04 4.41
CA VAL A 51 -17.66 -10.23 2.97
C VAL A 51 -18.92 -10.99 2.58
N SER A 52 -19.42 -11.82 3.49
CA SER A 52 -20.62 -12.61 3.25
C SER A 52 -21.88 -11.96 3.77
N TYR A 53 -22.79 -11.60 2.86
CA TYR A 53 -24.04 -10.96 3.25
C TYR A 53 -24.85 -11.92 4.12
N ARG A 54 -24.75 -13.22 3.84
CA ARG A 54 -25.48 -14.21 4.63
C ARG A 54 -25.07 -14.15 6.09
N SER A 55 -23.76 -13.99 6.33
CA SER A 55 -23.25 -13.88 7.71
C SER A 55 -23.90 -12.65 8.35
N LEU A 56 -23.98 -11.56 7.58
CA LEU A 56 -24.58 -10.33 8.07
C LEU A 56 -26.07 -10.52 8.26
N GLU A 57 -26.66 -11.35 7.41
CA GLU A 57 -28.07 -11.61 7.51
C GLU A 57 -28.29 -12.33 8.85
N ILE A 58 -27.46 -13.32 9.14
CA ILE A 58 -27.57 -14.06 10.39
C ILE A 58 -27.28 -13.17 11.61
N ALA A 59 -26.42 -12.18 11.43
CA ALA A 59 -26.09 -11.27 12.53
C ALA A 59 -27.30 -10.42 12.88
N GLN A 60 -27.94 -9.83 11.86
CA GLN A 60 -29.13 -9.01 12.06
C GLN A 60 -30.14 -9.80 12.86
N GLU A 61 -30.39 -11.04 12.42
CA GLU A 61 -31.34 -11.90 13.10
C GLU A 61 -31.09 -12.00 14.60
N ARG A 62 -29.92 -12.51 14.98
CA ARG A 62 -29.62 -12.66 16.40
C ARG A 62 -29.46 -11.36 17.17
N LEU A 63 -29.01 -10.30 16.51
CA LEU A 63 -28.89 -9.04 17.22
C LEU A 63 -30.29 -8.48 17.47
N ASP A 64 -31.23 -8.81 16.60
CA ASP A 64 -32.60 -8.34 16.76
C ASP A 64 -33.35 -9.01 17.93
N ARG A 65 -32.81 -10.13 18.41
CA ARG A 65 -33.46 -10.82 19.51
C ARG A 65 -33.26 -10.05 20.81
N LEU A 66 -32.36 -9.08 20.77
CA LEU A 66 -32.08 -8.25 21.95
C LEU A 66 -33.18 -7.24 22.14
N ARG A 67 -33.23 -6.67 23.34
CA ARG A 67 -34.21 -5.64 23.70
C ARG A 67 -33.42 -4.53 24.36
N LEU A 68 -33.33 -3.39 23.69
CA LEU A 68 -32.54 -2.30 24.20
C LEU A 68 -33.36 -1.06 24.43
N PRO A 69 -32.91 -0.19 25.33
CA PRO A 69 -33.58 1.07 25.68
C PRO A 69 -33.44 2.12 24.60
N ARG A 70 -34.38 3.05 24.59
CA ARG A 70 -34.43 4.15 23.63
C ARG A 70 -33.65 4.02 22.32
N ASN A 71 -32.71 4.94 22.09
CA ASN A 71 -31.94 4.99 20.84
C ASN A 71 -30.69 4.14 20.71
N GLN A 72 -30.51 3.17 21.60
CA GLN A 72 -29.31 2.33 21.54
C GLN A 72 -29.18 1.44 20.29
N TRP A 73 -30.28 1.28 19.54
CA TRP A 73 -30.25 0.47 18.33
C TRP A 73 -29.58 1.20 17.18
N GLU A 74 -29.82 2.49 17.08
CA GLU A 74 -29.25 3.24 15.97
C GLU A 74 -27.73 3.37 16.04
N ARG A 75 -27.13 2.79 17.07
CA ARG A 75 -25.69 2.83 17.22
C ARG A 75 -25.07 1.76 16.32
N LEU A 76 -25.92 0.86 15.85
CA LEU A 76 -25.51 -0.26 15.01
C LEU A 76 -25.46 -0.04 13.52
N GLN A 77 -24.55 -0.75 12.86
CA GLN A 77 -24.41 -0.67 11.43
C GLN A 77 -23.66 -1.87 10.85
N LEU A 78 -24.32 -2.61 9.97
CA LEU A 78 -23.72 -3.76 9.30
C LEU A 78 -23.36 -3.41 7.85
N ILE A 79 -22.12 -3.71 7.45
CA ILE A 79 -21.68 -3.42 6.10
C ILE A 79 -21.02 -4.64 5.46
N GLN A 80 -21.44 -5.01 4.25
CA GLN A 80 -20.79 -6.13 3.59
C GLN A 80 -19.63 -5.55 2.80
N GLY A 81 -18.52 -6.26 2.79
CA GLY A 81 -17.35 -5.80 2.07
C GLY A 81 -16.23 -6.78 2.28
N ALA A 82 -15.27 -6.75 1.37
CA ALA A 82 -14.11 -7.61 1.47
C ALA A 82 -13.09 -6.88 2.33
N LEU A 83 -12.29 -7.64 3.08
CA LEU A 83 -11.28 -7.06 3.96
C LEU A 83 -10.17 -6.36 3.16
N THR A 84 -10.15 -6.63 1.85
CA THR A 84 -9.15 -6.05 0.97
C THR A 84 -9.64 -4.79 0.25
N TYR A 85 -10.94 -4.52 0.32
CA TYR A 85 -11.52 -3.36 -0.34
C TYR A 85 -11.47 -2.08 0.49
N GLN A 86 -10.78 -1.09 -0.04
CA GLN A 86 -10.68 0.19 0.61
C GLN A 86 -12.04 0.87 0.53
N ASP A 87 -12.75 0.93 1.65
CA ASP A 87 -14.07 1.53 1.70
C ASP A 87 -14.00 2.83 2.51
N LYS A 88 -14.62 3.90 2.01
CA LYS A 88 -14.61 5.19 2.71
C LYS A 88 -15.28 5.13 4.09
N ARG A 89 -16.24 4.23 4.23
CA ARG A 89 -16.97 4.06 5.47
C ARG A 89 -16.14 3.54 6.64
N PHE A 90 -14.91 3.12 6.37
CA PHE A 90 -14.03 2.60 7.43
C PHE A 90 -13.32 3.72 8.21
N HIS A 91 -13.37 4.95 7.71
CA HIS A 91 -12.71 6.07 8.38
C HIS A 91 -13.46 6.55 9.59
N GLY A 92 -12.75 7.17 10.53
CA GLY A 92 -13.37 7.73 11.71
C GLY A 92 -13.76 6.87 12.92
N TYR A 93 -13.08 5.76 13.12
CA TYR A 93 -13.38 4.92 14.26
C TYR A 93 -12.25 5.04 15.30
N ASP A 94 -12.56 4.80 16.56
CA ASP A 94 -11.55 4.86 17.60
C ASP A 94 -10.77 3.57 17.57
N ALA A 95 -11.44 2.50 17.14
CA ALA A 95 -10.83 1.19 17.12
C ALA A 95 -11.45 0.19 16.17
N ALA A 96 -10.59 -0.64 15.59
CA ALA A 96 -10.99 -1.72 14.70
C ALA A 96 -10.60 -3.00 15.43
N THR A 97 -11.50 -3.98 15.46
CA THR A 97 -11.22 -5.26 16.09
C THR A 97 -11.10 -6.29 14.97
N VAL A 98 -10.06 -7.10 14.99
CA VAL A 98 -9.82 -8.14 13.99
C VAL A 98 -9.60 -9.43 14.77
N ILE A 99 -10.71 -10.09 15.11
CA ILE A 99 -10.68 -11.29 15.92
C ILE A 99 -10.77 -12.63 15.19
N GLU A 100 -9.71 -13.44 15.30
CA GLU A 100 -9.64 -14.75 14.68
C GLU A 100 -9.94 -14.61 13.19
N VAL A 101 -9.14 -13.78 12.52
CA VAL A 101 -9.32 -13.51 11.10
C VAL A 101 -8.05 -13.66 10.27
N ILE A 102 -6.95 -13.08 10.74
CA ILE A 102 -5.70 -13.13 9.97
C ILE A 102 -5.22 -14.51 9.56
N GLU A 103 -5.40 -15.51 10.40
CA GLU A 103 -4.93 -16.85 10.07
C GLU A 103 -5.72 -17.46 8.91
N HIS A 104 -6.86 -16.88 8.59
CA HIS A 104 -7.68 -17.39 7.50
C HIS A 104 -7.37 -16.76 6.16
N LEU A 105 -6.77 -15.58 6.18
CA LEU A 105 -6.42 -14.88 4.95
C LEU A 105 -5.19 -15.54 4.35
N ASP A 106 -5.05 -15.47 3.03
CA ASP A 106 -3.87 -16.04 2.39
C ASP A 106 -2.90 -14.90 2.15
N LEU A 107 -1.60 -15.21 2.09
CA LEU A 107 -0.55 -14.22 1.90
C LEU A 107 -0.92 -13.06 0.98
N SER A 108 -1.50 -13.37 -0.18
CA SER A 108 -1.89 -12.35 -1.14
C SER A 108 -2.82 -11.28 -0.59
N ARG A 109 -3.99 -11.68 -0.12
CA ARG A 109 -4.94 -10.70 0.40
C ARG A 109 -4.59 -10.19 1.79
N LEU A 110 -3.62 -10.81 2.44
CA LEU A 110 -3.20 -10.37 3.75
C LEU A 110 -2.49 -9.03 3.56
N GLY A 111 -1.76 -8.91 2.46
CA GLY A 111 -1.06 -7.68 2.19
C GLY A 111 -2.06 -6.54 2.03
N ALA A 112 -3.02 -6.74 1.13
CA ALA A 112 -4.05 -5.74 0.85
C ALA A 112 -4.85 -5.41 2.10
N PHE A 113 -5.15 -6.43 2.89
CA PHE A 113 -5.91 -6.22 4.13
C PHE A 113 -5.16 -5.24 5.02
N GLU A 114 -3.84 -5.39 5.06
CA GLU A 114 -2.96 -4.53 5.87
C GLU A 114 -3.02 -3.06 5.46
N ARG A 115 -3.08 -2.77 4.16
CA ARG A 115 -3.18 -1.37 3.72
C ARG A 115 -4.53 -0.79 4.12
N VAL A 116 -5.60 -1.52 3.82
CA VAL A 116 -6.97 -1.12 4.14
C VAL A 116 -7.10 -0.77 5.62
N LEU A 117 -6.53 -1.62 6.48
CA LEU A 117 -6.63 -1.41 7.91
C LEU A 117 -5.66 -0.40 8.52
N PHE A 118 -4.37 -0.67 8.40
CA PHE A 118 -3.38 0.22 9.00
C PHE A 118 -3.01 1.45 8.21
N GLU A 119 -3.33 1.47 6.92
CA GLU A 119 -2.98 2.64 6.12
C GLU A 119 -4.20 3.49 5.76
N PHE A 120 -5.27 2.84 5.28
CA PHE A 120 -6.46 3.57 4.91
C PHE A 120 -7.40 3.91 6.07
N ALA A 121 -8.03 2.91 6.67
CA ALA A 121 -8.93 3.16 7.79
C ALA A 121 -8.19 3.93 8.90
N GLN A 122 -6.96 3.52 9.16
CA GLN A 122 -6.11 4.16 10.16
C GLN A 122 -6.76 4.55 11.49
N PRO A 123 -7.45 3.61 12.15
CA PRO A 123 -8.08 3.97 13.42
C PRO A 123 -7.00 4.20 14.49
N LYS A 124 -7.40 4.73 15.64
CA LYS A 124 -6.45 4.99 16.71
C LYS A 124 -5.99 3.70 17.40
N ILE A 125 -6.87 2.70 17.43
CA ILE A 125 -6.55 1.44 18.08
C ILE A 125 -6.96 0.25 17.22
N VAL A 126 -6.07 -0.72 17.10
CA VAL A 126 -6.36 -1.93 16.34
C VAL A 126 -6.10 -3.11 17.28
N ILE A 127 -7.10 -3.96 17.46
CA ILE A 127 -6.97 -5.11 18.32
C ILE A 127 -7.05 -6.34 17.44
N VAL A 128 -6.05 -7.20 17.52
CA VAL A 128 -6.02 -8.41 16.71
C VAL A 128 -5.71 -9.62 17.56
N THR A 129 -6.54 -10.66 17.45
CA THR A 129 -6.32 -11.91 18.18
C THR A 129 -6.19 -13.04 17.16
N THR A 130 -5.45 -14.07 17.50
CA THR A 130 -5.30 -15.20 16.59
C THR A 130 -4.81 -16.37 17.43
N PRO A 131 -5.22 -17.60 17.09
CA PRO A 131 -4.77 -18.76 17.87
C PRO A 131 -3.26 -18.92 17.93
N ASN A 132 -2.81 -19.65 18.94
CA ASN A 132 -1.39 -19.95 19.15
C ASN A 132 -1.26 -21.43 18.79
N ILE A 133 -0.80 -21.72 17.59
CA ILE A 133 -0.67 -23.11 17.18
C ILE A 133 0.20 -23.94 18.11
N GLU A 134 1.20 -23.31 18.73
CA GLU A 134 2.12 -23.99 19.64
C GLU A 134 1.40 -24.56 20.82
N TYR A 135 0.39 -23.82 21.29
CA TYR A 135 -0.41 -24.25 22.43
C TYR A 135 -1.28 -25.45 22.04
N ASN A 136 -2.06 -25.27 20.99
CA ASN A 136 -2.98 -26.31 20.53
C ASN A 136 -2.33 -27.61 20.12
N VAL A 137 -1.04 -27.59 19.81
CA VAL A 137 -0.36 -28.81 19.44
C VAL A 137 -0.02 -29.57 20.73
N LYS A 138 0.74 -28.93 21.61
CA LYS A 138 1.12 -29.55 22.88
C LYS A 138 -0.10 -30.08 23.62
N PHE A 139 -1.14 -29.26 23.66
CA PHE A 139 -2.38 -29.65 24.33
C PHE A 139 -3.41 -29.99 23.26
N ALA A 140 -3.69 -31.28 23.11
CA ALA A 140 -4.67 -31.74 22.13
C ALA A 140 -5.21 -33.11 22.53
N HIS A 152 -6.52 -27.79 13.24
CA HIS A 152 -6.14 -26.42 12.93
C HIS A 152 -4.65 -26.25 12.63
N ARG A 153 -4.29 -26.55 11.39
CA ARG A 153 -2.92 -26.45 10.92
C ARG A 153 -2.64 -25.10 10.27
N PHE A 154 -3.60 -24.19 10.34
CA PHE A 154 -3.41 -22.89 9.73
C PHE A 154 -3.14 -21.78 10.73
N GLU A 155 -3.13 -22.13 12.01
CA GLU A 155 -2.87 -21.15 13.06
C GLU A 155 -1.40 -20.74 13.06
N TRP A 156 -1.11 -19.55 13.59
CA TRP A 156 0.24 -19.02 13.63
C TRP A 156 0.97 -19.32 14.95
N THR A 157 2.30 -19.27 14.89
CA THR A 157 3.12 -19.47 16.08
C THR A 157 3.19 -18.10 16.72
N ARG A 158 3.75 -18.02 17.92
CA ARG A 158 3.87 -16.73 18.59
C ARG A 158 4.89 -15.89 17.81
N SER A 159 5.97 -16.54 17.40
CA SER A 159 7.03 -15.89 16.65
C SER A 159 6.48 -15.30 15.34
N GLN A 160 5.67 -16.10 14.65
CA GLN A 160 5.08 -15.66 13.40
C GLN A 160 4.19 -14.43 13.66
N PHE A 161 3.39 -14.49 14.72
CA PHE A 161 2.50 -13.38 15.06
C PHE A 161 3.23 -12.08 15.43
N GLN A 162 4.35 -12.20 16.11
CA GLN A 162 5.12 -11.05 16.52
C GLN A 162 5.95 -10.39 15.42
N ASN A 163 6.46 -11.18 14.48
CA ASN A 163 7.23 -10.60 13.39
C ASN A 163 6.23 -9.81 12.52
N TRP A 164 5.04 -10.38 12.34
CA TRP A 164 3.99 -9.73 11.57
C TRP A 164 3.65 -8.38 12.18
N ALA A 165 3.43 -8.36 13.49
CA ALA A 165 3.09 -7.11 14.19
C ALA A 165 4.19 -6.06 14.09
N ASN A 166 5.42 -6.47 14.36
CA ASN A 166 6.53 -5.53 14.30
C ASN A 166 6.72 -5.00 12.88
N LYS A 167 6.40 -5.83 11.88
CA LYS A 167 6.50 -5.44 10.49
C LYS A 167 5.51 -4.31 10.24
N ILE A 168 4.35 -4.42 10.86
CA ILE A 168 3.31 -3.44 10.72
C ILE A 168 3.76 -2.12 11.33
N THR A 169 4.44 -2.19 12.48
CA THR A 169 4.93 -0.99 13.16
C THR A 169 6.08 -0.31 12.42
N GLU A 170 6.60 -0.98 11.40
CA GLU A 170 7.69 -0.42 10.62
C GLU A 170 7.17 0.18 9.31
N ARG A 171 6.08 -0.39 8.81
CA ARG A 171 5.47 0.09 7.56
C ARG A 171 4.44 1.17 7.84
N PHE A 172 3.76 1.05 8.97
CA PHE A 172 2.70 2.00 9.32
C PHE A 172 2.92 2.72 10.65
N ALA A 173 2.23 3.83 10.82
CA ALA A 173 2.31 4.67 12.01
C ALA A 173 1.75 4.07 13.31
N TYR A 174 2.26 2.90 13.70
CA TYR A 174 1.75 2.28 14.90
C TYR A 174 2.83 1.66 15.75
N ASN A 175 2.53 1.51 17.04
CA ASN A 175 3.39 0.86 18.00
C ASN A 175 2.54 -0.35 18.38
N VAL A 176 3.11 -1.33 19.05
CA VAL A 176 2.30 -2.49 19.39
C VAL A 176 2.62 -3.10 20.75
N GLN A 177 1.59 -3.60 21.42
CA GLN A 177 1.76 -4.23 22.71
C GLN A 177 1.02 -5.57 22.69
N PHE A 178 1.60 -6.58 23.36
CA PHE A 178 1.00 -7.91 23.41
C PHE A 178 0.48 -8.31 24.78
N GLN A 179 -0.53 -9.17 24.83
CA GLN A 179 -1.06 -9.63 26.10
C GLN A 179 -1.69 -11.02 25.93
N PRO A 180 -1.60 -11.85 26.97
CA PRO A 180 -2.13 -13.23 27.01
C PRO A 180 -3.62 -13.42 27.26
N ILE A 181 -4.22 -14.34 26.52
CA ILE A 181 -5.62 -14.69 26.69
C ILE A 181 -5.72 -16.20 26.84
N GLY A 182 -6.24 -16.62 27.98
CA GLY A 182 -6.36 -18.02 28.28
C GLY A 182 -5.21 -18.34 29.23
N GLU A 183 -5.38 -19.36 30.06
CA GLU A 183 -4.31 -19.74 30.97
C GLU A 183 -3.01 -19.93 30.20
N ALA A 184 -1.96 -19.24 30.63
CA ALA A 184 -0.67 -19.33 29.96
C ALA A 184 0.14 -20.54 30.40
N ASP A 185 0.90 -21.11 29.47
CA ASP A 185 1.76 -22.24 29.75
C ASP A 185 3.18 -21.70 29.73
N PRO A 186 3.99 -22.05 30.73
CA PRO A 186 5.38 -21.61 30.85
C PRO A 186 6.14 -21.63 29.53
N GLU A 187 5.99 -22.72 28.80
CA GLU A 187 6.68 -22.89 27.54
C GLU A 187 5.95 -22.31 26.33
N VAL A 188 4.95 -23.02 25.81
CA VAL A 188 4.21 -22.56 24.64
C VAL A 188 3.31 -21.35 24.87
N GLY A 189 3.22 -20.87 26.10
CA GLY A 189 2.39 -19.71 26.38
C GLY A 189 0.89 -19.94 26.38
N SER A 190 0.15 -18.88 26.10
CA SER A 190 -1.31 -18.91 26.08
C SER A 190 -1.94 -19.40 24.78
N PRO A 191 -3.16 -19.95 24.86
CA PRO A 191 -3.93 -20.48 23.73
C PRO A 191 -4.38 -19.45 22.69
N THR A 192 -4.53 -18.20 23.13
CA THR A 192 -4.93 -17.14 22.21
C THR A 192 -3.93 -15.99 22.25
N GLN A 193 -3.45 -15.57 21.08
CA GLN A 193 -2.51 -14.44 21.01
C GLN A 193 -3.28 -13.15 20.82
N MET A 194 -2.86 -12.07 21.48
CA MET A 194 -3.55 -10.78 21.32
C MET A 194 -2.61 -9.60 21.22
N ALA A 195 -2.88 -8.72 20.26
CA ALA A 195 -2.04 -7.54 20.05
C ALA A 195 -2.84 -6.25 19.88
N VAL A 196 -2.47 -5.24 20.66
CA VAL A 196 -3.12 -3.94 20.57
C VAL A 196 -2.14 -3.01 19.88
N PHE A 197 -2.59 -2.40 18.78
CA PHE A 197 -1.78 -1.47 18.01
C PHE A 197 -2.27 -0.07 18.39
N ILE A 198 -1.35 0.86 18.60
CA ILE A 198 -1.75 2.20 18.98
C ILE A 198 -1.09 3.19 18.03
N HIS A 199 -1.92 3.97 17.35
CA HIS A 199 -1.43 4.95 16.38
C HIS A 199 -0.45 5.92 17.04
N ARG A 200 0.53 6.40 16.26
CA ARG A 200 1.54 7.32 16.78
C ARG A 200 1.12 8.79 16.70
N ILE B 1 19.14 26.95 -12.09
CA ILE B 1 18.45 25.63 -12.32
C ILE B 1 19.47 24.51 -12.43
N SER B 2 19.46 23.61 -11.45
CA SER B 2 20.39 22.48 -11.43
C SER B 2 20.13 21.42 -12.51
N LEU B 3 20.94 20.38 -12.50
CA LEU B 3 20.81 19.29 -13.47
C LEU B 3 19.51 18.53 -13.16
N ASN B 4 19.46 17.94 -11.96
CA ASN B 4 18.30 17.19 -11.53
C ASN B 4 17.04 18.03 -11.71
N GLN B 5 17.14 19.33 -11.44
CA GLN B 5 15.99 20.21 -11.59
C GLN B 5 15.55 20.31 -13.04
N GLN B 6 16.51 20.51 -13.93
CA GLN B 6 16.21 20.61 -15.36
C GLN B 6 15.59 19.31 -15.88
N ARG B 7 16.02 18.19 -15.30
CA ARG B 7 15.50 16.89 -15.71
C ARG B 7 14.03 16.80 -15.33
N MET B 8 13.69 17.25 -14.11
CA MET B 8 12.30 17.23 -13.66
C MET B 8 11.49 18.12 -14.60
N ASN B 9 11.94 19.36 -14.80
CA ASN B 9 11.23 20.29 -15.68
C ASN B 9 10.94 19.62 -17.02
N GLY B 10 11.98 19.04 -17.60
CA GLY B 10 11.86 18.39 -18.89
C GLY B 10 10.88 17.23 -18.94
N VAL B 11 10.85 16.41 -17.89
CA VAL B 11 9.94 15.28 -17.83
C VAL B 11 8.51 15.80 -17.71
N VAL B 12 8.31 16.77 -16.82
CA VAL B 12 7.00 17.36 -16.60
C VAL B 12 6.43 18.05 -17.84
N ALA B 13 7.25 18.82 -18.53
CA ALA B 13 6.80 19.50 -19.73
C ALA B 13 6.33 18.45 -20.74
N ALA B 14 7.12 17.37 -20.86
CA ALA B 14 6.77 16.30 -21.79
C ALA B 14 5.42 15.67 -21.43
N LEU B 15 5.22 15.37 -20.16
CA LEU B 15 3.98 14.78 -19.71
C LEU B 15 2.78 15.61 -20.15
N LYS B 16 2.90 16.92 -20.01
CA LYS B 16 1.82 17.81 -20.38
C LYS B 16 1.65 17.94 -21.89
N GLN B 17 2.75 17.89 -22.63
CA GLN B 17 2.66 17.99 -24.07
C GLN B 17 1.80 16.85 -24.63
N SER B 18 1.63 15.80 -23.85
CA SER B 18 0.83 14.64 -24.27
C SER B 18 -0.44 14.56 -23.45
N ASN B 19 -0.70 15.60 -22.66
CA ASN B 19 -1.88 15.66 -21.82
C ASN B 19 -2.04 14.35 -21.04
N ALA B 20 -0.96 13.95 -20.37
CA ALA B 20 -0.98 12.72 -19.57
C ALA B 20 -1.32 13.09 -18.14
N ARG B 21 -2.58 12.84 -17.78
CA ARG B 21 -3.10 13.14 -16.44
C ARG B 21 -2.74 12.06 -15.42
N ARG B 22 -2.87 10.80 -15.82
CA ARG B 22 -2.55 9.70 -14.93
C ARG B 22 -1.13 9.21 -15.18
N VAL B 23 -0.25 9.47 -14.23
CA VAL B 23 1.15 9.08 -14.35
C VAL B 23 1.58 8.03 -13.35
N ILE B 24 2.32 7.04 -13.83
CA ILE B 24 2.83 5.99 -12.95
C ILE B 24 4.37 6.02 -13.05
N ASP B 25 5.03 6.27 -11.92
CA ASP B 25 6.49 6.34 -11.86
C ASP B 25 7.12 5.03 -11.38
N LEU B 26 7.76 4.33 -12.31
CA LEU B 26 8.40 3.04 -12.05
C LEU B 26 9.81 3.22 -11.49
N GLY B 27 10.00 2.80 -10.25
CA GLY B 27 11.28 2.96 -9.60
C GLY B 27 11.35 4.40 -9.12
N CYS B 28 10.41 4.78 -8.26
CA CYS B 28 10.34 6.14 -7.74
C CYS B 28 11.40 6.50 -6.71
N GLY B 29 11.77 5.54 -5.87
CA GLY B 29 12.76 5.81 -4.85
C GLY B 29 12.21 6.62 -3.69
N GLN B 30 12.90 7.70 -3.33
CA GLN B 30 12.46 8.57 -2.24
C GLN B 30 11.22 9.38 -2.61
N GLY B 31 10.87 9.36 -3.89
CA GLY B 31 9.70 10.06 -4.38
C GLY B 31 9.92 11.49 -4.82
N ASN B 32 11.12 11.81 -5.30
CA ASN B 32 11.41 13.18 -5.71
C ASN B 32 10.50 13.68 -6.83
N LEU B 33 10.35 12.89 -7.89
CA LEU B 33 9.48 13.29 -8.98
C LEU B 33 8.01 13.30 -8.51
N LEU B 34 7.64 12.28 -7.73
CA LEU B 34 6.27 12.18 -7.22
C LEU B 34 5.87 13.47 -6.51
N LYS B 35 6.80 14.05 -5.75
CA LYS B 35 6.56 15.28 -5.03
C LYS B 35 6.17 16.42 -5.98
N ILE B 36 6.90 16.56 -7.08
CA ILE B 36 6.61 17.61 -8.06
C ILE B 36 5.22 17.45 -8.68
N LEU B 37 4.82 16.20 -8.93
CA LEU B 37 3.53 15.93 -9.52
C LEU B 37 2.37 16.14 -8.54
N LEU B 38 2.56 15.76 -7.28
CA LEU B 38 1.52 15.95 -6.27
C LEU B 38 1.16 17.42 -6.15
N LYS B 39 2.17 18.29 -6.21
CA LYS B 39 1.94 19.72 -6.09
C LYS B 39 1.31 20.39 -7.32
N ASP B 40 1.09 19.62 -8.37
CA ASP B 40 0.48 20.18 -9.58
C ASP B 40 -0.91 19.61 -9.78
N SER B 41 -1.88 20.51 -9.88
CA SER B 41 -3.29 20.14 -10.07
C SER B 41 -3.54 19.46 -11.42
N PHE B 42 -2.69 19.76 -12.40
CA PHE B 42 -2.81 19.17 -13.73
C PHE B 42 -3.01 17.67 -13.66
N PHE B 43 -2.12 16.99 -12.94
CA PHE B 43 -2.17 15.55 -12.80
C PHE B 43 -3.34 15.03 -11.99
N GLU B 44 -4.01 14.01 -12.52
CA GLU B 44 -5.17 13.44 -11.87
C GLU B 44 -4.85 12.17 -11.09
N GLN B 45 -3.74 11.52 -11.39
CA GLN B 45 -3.36 10.31 -10.67
C GLN B 45 -1.83 10.24 -10.62
N ILE B 46 -1.28 9.97 -9.44
CA ILE B 46 0.16 9.88 -9.27
C ILE B 46 0.49 8.59 -8.52
N THR B 47 1.02 7.60 -9.23
CA THR B 47 1.38 6.34 -8.60
C THR B 47 2.87 6.11 -8.70
N GLY B 48 3.47 5.64 -7.60
CA GLY B 48 4.88 5.37 -7.58
C GLY B 48 5.12 3.93 -7.20
N VAL B 49 5.95 3.25 -7.97
CA VAL B 49 6.26 1.86 -7.71
C VAL B 49 7.76 1.73 -7.41
N ASP B 50 8.10 0.84 -6.48
CA ASP B 50 9.49 0.61 -6.10
C ASP B 50 9.60 -0.78 -5.49
N VAL B 51 10.76 -1.40 -5.66
CA VAL B 51 10.96 -2.75 -5.14
C VAL B 51 11.21 -2.76 -3.64
N SER B 52 11.83 -1.68 -3.15
CA SER B 52 12.15 -1.55 -1.74
C SER B 52 11.03 -0.97 -0.90
N TYR B 53 10.66 -1.70 0.15
CA TYR B 53 9.62 -1.24 1.08
C TYR B 53 10.14 -0.04 1.87
N ARG B 54 11.44 -0.03 2.12
CA ARG B 54 12.04 1.04 2.87
C ARG B 54 12.00 2.35 2.11
N SER B 55 12.34 2.30 0.83
CA SER B 55 12.33 3.49 -0.01
C SER B 55 10.90 4.01 -0.04
N LEU B 56 9.95 3.09 0.03
CA LEU B 56 8.53 3.43 0.00
C LEU B 56 8.09 4.12 1.28
N GLU B 57 8.53 3.61 2.42
CA GLU B 57 8.17 4.20 3.71
C GLU B 57 8.77 5.60 3.76
N ILE B 58 9.97 5.75 3.22
CA ILE B 58 10.64 7.05 3.20
C ILE B 58 9.87 8.02 2.31
N ALA B 59 9.46 7.53 1.13
CA ALA B 59 8.70 8.34 0.19
C ALA B 59 7.38 8.77 0.81
N GLN B 60 6.69 7.83 1.42
CA GLN B 60 5.39 8.07 2.08
C GLN B 60 5.55 9.18 3.12
N GLU B 61 6.50 8.98 4.02
CA GLU B 61 6.78 9.94 5.08
C GLU B 61 6.78 11.38 4.56
N ARG B 62 7.74 11.69 3.69
CA ARG B 62 7.84 13.04 3.16
C ARG B 62 6.65 13.53 2.34
N LEU B 63 5.95 12.60 1.69
CA LEU B 63 4.80 13.00 0.91
C LEU B 63 3.63 13.39 1.82
N ASP B 64 3.40 12.60 2.87
CA ASP B 64 2.33 12.87 3.82
C ASP B 64 2.53 14.16 4.63
N ARG B 65 3.74 14.71 4.58
CA ARG B 65 4.08 15.92 5.32
C ARG B 65 3.80 17.18 4.51
N LEU B 66 3.58 17.04 3.21
CA LEU B 66 3.32 18.17 2.33
C LEU B 66 1.95 18.83 2.54
N ARG B 67 1.96 20.15 2.68
CA ARG B 67 0.72 20.92 2.85
C ARG B 67 0.16 21.20 1.47
N LEU B 68 -0.98 20.59 1.16
CA LEU B 68 -1.59 20.74 -0.15
C LEU B 68 -3.01 21.27 -0.11
N PRO B 69 -3.53 21.75 -1.26
CA PRO B 69 -4.90 22.26 -1.34
C PRO B 69 -5.88 21.07 -1.34
N ARG B 70 -7.11 21.31 -0.88
CA ARG B 70 -8.15 20.29 -0.76
C ARG B 70 -8.16 19.13 -1.77
N ASN B 71 -8.25 17.93 -1.22
CA ASN B 71 -8.26 16.64 -1.93
C ASN B 71 -7.33 16.41 -3.13
N GLN B 72 -6.03 16.65 -2.91
CA GLN B 72 -5.02 16.39 -3.93
C GLN B 72 -4.27 15.15 -3.45
N TRP B 73 -4.08 15.06 -2.15
CA TRP B 73 -3.39 13.92 -1.54
C TRP B 73 -3.94 12.56 -1.96
N GLU B 74 -5.25 12.49 -2.16
CA GLU B 74 -5.88 11.24 -2.54
C GLU B 74 -5.47 10.81 -3.93
N ARG B 75 -4.94 11.73 -4.72
CA ARG B 75 -4.50 11.42 -6.07
C ARG B 75 -3.22 10.60 -6.03
N LEU B 76 -2.62 10.48 -4.85
CA LEU B 76 -1.37 9.73 -4.66
C LEU B 76 -1.58 8.27 -4.21
N GLN B 77 -0.71 7.39 -4.70
CA GLN B 77 -0.78 5.98 -4.36
C GLN B 77 0.61 5.36 -4.54
N LEU B 78 1.15 4.76 -3.48
CA LEU B 78 2.45 4.12 -3.58
C LEU B 78 2.27 2.61 -3.57
N ILE B 79 2.94 1.92 -4.49
CA ILE B 79 2.83 0.46 -4.58
C ILE B 79 4.22 -0.16 -4.46
N GLN B 80 4.27 -1.34 -3.87
CA GLN B 80 5.55 -2.04 -3.74
C GLN B 80 5.52 -3.22 -4.70
N GLY B 81 6.56 -3.37 -5.49
CA GLY B 81 6.59 -4.48 -6.42
C GLY B 81 7.82 -4.49 -7.26
N ALA B 82 8.08 -5.63 -7.88
CA ALA B 82 9.22 -5.80 -8.75
C ALA B 82 8.91 -5.15 -10.08
N LEU B 83 9.93 -4.58 -10.70
CA LEU B 83 9.77 -3.90 -11.98
C LEU B 83 10.00 -4.86 -13.13
N THR B 84 10.50 -6.04 -12.81
CA THR B 84 10.80 -7.03 -13.84
C THR B 84 9.78 -8.15 -13.96
N TYR B 85 8.62 -7.96 -13.35
CA TYR B 85 7.55 -8.95 -13.42
C TYR B 85 6.18 -8.28 -13.58
N GLN B 86 5.41 -8.77 -14.55
CA GLN B 86 4.06 -8.27 -14.86
C GLN B 86 3.21 -8.03 -13.61
N ASP B 87 2.38 -6.98 -13.65
CA ASP B 87 1.50 -6.65 -12.54
C ASP B 87 0.30 -5.83 -13.01
N LYS B 88 -0.89 -6.39 -12.83
CA LYS B 88 -2.11 -5.76 -13.28
C LYS B 88 -2.25 -4.28 -12.91
N ARG B 89 -1.66 -3.88 -11.78
CA ARG B 89 -1.75 -2.49 -11.35
C ARG B 89 -0.97 -1.49 -12.21
N PHE B 90 -0.07 -1.98 -13.07
CA PHE B 90 0.71 -1.08 -13.92
C PHE B 90 -0.05 -0.67 -15.18
N HIS B 91 -1.19 -1.31 -15.41
CA HIS B 91 -2.00 -1.06 -16.61
C HIS B 91 -3.04 0.07 -16.52
N GLY B 92 -3.15 0.87 -17.60
CA GLY B 92 -4.15 1.93 -17.62
C GLY B 92 -3.73 3.40 -17.60
N TYR B 93 -2.53 3.67 -17.12
CA TYR B 93 -2.05 5.04 -17.02
C TYR B 93 -1.82 5.71 -18.37
N ASP B 94 -1.77 7.03 -18.39
CA ASP B 94 -1.54 7.76 -19.62
C ASP B 94 -0.03 7.85 -19.88
N ALA B 95 0.75 7.65 -18.84
CA ALA B 95 2.19 7.71 -18.96
C ALA B 95 2.90 7.01 -17.84
N ALA B 96 4.07 6.46 -18.15
CA ALA B 96 4.90 5.80 -17.16
C ALA B 96 6.25 6.50 -17.28
N THR B 97 6.83 6.85 -16.14
CA THR B 97 8.13 7.49 -16.18
C THR B 97 9.16 6.52 -15.62
N VAL B 98 10.31 6.46 -16.30
CA VAL B 98 11.43 5.62 -15.89
C VAL B 98 12.60 6.59 -15.81
N ILE B 99 12.71 7.24 -14.67
CA ILE B 99 13.73 8.24 -14.43
C ILE B 99 14.98 7.72 -13.73
N GLU B 100 16.07 7.66 -14.48
CA GLU B 100 17.36 7.21 -13.99
C GLU B 100 17.29 5.78 -13.43
N VAL B 101 16.66 4.89 -14.18
CA VAL B 101 16.53 3.50 -13.75
C VAL B 101 17.32 2.47 -14.59
N ILE B 102 17.12 2.49 -15.91
CA ILE B 102 17.78 1.51 -16.79
C ILE B 102 19.26 1.30 -16.58
N GLU B 103 20.00 2.38 -16.41
CA GLU B 103 21.44 2.30 -16.20
C GLU B 103 21.76 1.46 -14.97
N HIS B 104 20.74 1.25 -14.13
CA HIS B 104 20.90 0.47 -12.90
C HIS B 104 20.36 -0.95 -13.01
N LEU B 105 19.60 -1.24 -14.05
CA LEU B 105 19.03 -2.58 -14.22
C LEU B 105 20.05 -3.60 -14.68
N ASP B 106 19.92 -4.82 -14.19
CA ASP B 106 20.82 -5.89 -14.60
C ASP B 106 20.43 -6.26 -16.04
N LEU B 107 21.43 -6.40 -16.91
CA LEU B 107 21.19 -6.73 -18.31
C LEU B 107 20.17 -7.84 -18.54
N SER B 108 20.31 -8.93 -17.81
CA SER B 108 19.41 -10.09 -17.94
C SER B 108 17.97 -9.80 -17.58
N ARG B 109 17.77 -8.74 -16.82
CA ARG B 109 16.43 -8.38 -16.40
C ARG B 109 15.90 -7.21 -17.23
N LEU B 110 16.73 -6.65 -18.09
CA LEU B 110 16.32 -5.52 -18.92
C LEU B 110 15.16 -5.93 -19.83
N GLY B 111 15.33 -7.05 -20.53
CA GLY B 111 14.30 -7.55 -21.42
C GLY B 111 12.98 -7.81 -20.69
N ALA B 112 13.05 -8.44 -19.52
CA ALA B 112 11.83 -8.72 -18.74
C ALA B 112 11.12 -7.40 -18.47
N PHE B 113 11.91 -6.38 -18.14
CA PHE B 113 11.40 -5.04 -17.87
C PHE B 113 10.70 -4.47 -19.09
N GLU B 114 11.29 -4.69 -20.27
CA GLU B 114 10.70 -4.17 -21.52
C GLU B 114 9.32 -4.76 -21.78
N ARG B 115 9.16 -6.05 -21.48
CA ARG B 115 7.88 -6.71 -21.69
C ARG B 115 6.88 -6.16 -20.69
N VAL B 116 7.27 -6.11 -19.42
CA VAL B 116 6.41 -5.61 -18.36
C VAL B 116 5.87 -4.23 -18.69
N LEU B 117 6.75 -3.38 -19.20
CA LEU B 117 6.41 -2.01 -19.53
C LEU B 117 5.75 -1.79 -20.89
N PHE B 118 6.35 -2.35 -21.95
CA PHE B 118 5.84 -2.17 -23.29
C PHE B 118 4.88 -3.24 -23.80
N GLU B 119 4.87 -4.40 -23.15
CA GLU B 119 3.97 -5.46 -23.57
C GLU B 119 2.68 -5.36 -22.74
N PHE B 120 2.81 -5.60 -21.44
CA PHE B 120 1.66 -5.59 -20.52
C PHE B 120 1.06 -4.26 -20.06
N ALA B 121 1.84 -3.40 -19.41
CA ALA B 121 1.33 -2.11 -18.93
C ALA B 121 0.87 -1.20 -20.05
N GLN B 122 1.69 -1.15 -21.09
CA GLN B 122 1.42 -0.38 -22.29
C GLN B 122 0.76 0.99 -22.16
N PRO B 123 1.41 1.93 -21.46
CA PRO B 123 0.85 3.27 -21.30
C PRO B 123 0.81 4.07 -22.61
N LYS B 124 0.02 5.14 -22.63
CA LYS B 124 -0.08 5.97 -23.81
C LYS B 124 1.30 6.56 -24.13
N ILE B 125 1.99 6.98 -23.08
CA ILE B 125 3.30 7.59 -23.19
C ILE B 125 4.31 6.96 -22.23
N VAL B 126 5.55 6.81 -22.67
CA VAL B 126 6.59 6.28 -21.79
C VAL B 126 7.81 7.18 -21.88
N ILE B 127 8.17 7.79 -20.75
CA ILE B 127 9.31 8.67 -20.71
C ILE B 127 10.42 7.95 -19.97
N VAL B 128 11.62 7.97 -20.55
CA VAL B 128 12.79 7.30 -19.98
C VAL B 128 13.97 8.26 -20.02
N THR B 129 14.64 8.45 -18.88
CA THR B 129 15.81 9.32 -18.84
C THR B 129 16.98 8.55 -18.32
N THR B 130 18.18 8.95 -18.74
CA THR B 130 19.41 8.30 -18.29
C THR B 130 20.60 9.21 -18.62
N PRO B 131 21.62 9.20 -17.77
CA PRO B 131 22.78 10.06 -18.02
C PRO B 131 23.50 9.74 -19.32
N ASN B 132 24.27 10.72 -19.79
CA ASN B 132 25.07 10.56 -20.99
C ASN B 132 26.50 10.42 -20.48
N ILE B 133 27.07 9.22 -20.54
CA ILE B 133 28.41 9.00 -20.03
C ILE B 133 29.49 9.75 -20.78
N GLU B 134 29.29 9.96 -22.08
CA GLU B 134 30.26 10.68 -22.88
C GLU B 134 30.43 12.09 -22.33
N TYR B 135 29.33 12.67 -21.88
CA TYR B 135 29.34 14.02 -21.33
C TYR B 135 30.01 14.06 -19.97
N ASN B 136 29.81 13.02 -19.16
CA ASN B 136 30.40 13.00 -17.83
C ASN B 136 31.88 12.61 -17.82
N VAL B 137 32.39 12.11 -18.93
CA VAL B 137 33.80 11.77 -18.99
C VAL B 137 34.46 13.11 -19.26
N LYS B 138 33.94 13.80 -20.28
CA LYS B 138 34.44 15.12 -20.59
C LYS B 138 33.87 15.82 -19.36
N PHE B 139 34.37 16.99 -19.00
CA PHE B 139 33.82 17.65 -17.80
C PHE B 139 33.76 16.68 -16.62
N ALA B 140 34.74 15.80 -16.49
CA ALA B 140 34.72 14.86 -15.36
C ALA B 140 35.19 15.58 -14.09
N HIS B 152 30.13 6.76 -12.28
CA HIS B 152 29.86 7.07 -13.68
C HIS B 152 30.10 5.90 -14.63
N ARG B 153 30.92 4.94 -14.20
CA ARG B 153 31.28 3.78 -15.02
C ARG B 153 30.14 3.01 -15.65
N PHE B 154 28.99 2.98 -14.98
CA PHE B 154 27.86 2.22 -15.47
C PHE B 154 26.90 2.98 -16.37
N GLU B 155 27.19 4.26 -16.63
CA GLU B 155 26.30 5.06 -17.45
C GLU B 155 26.38 4.72 -18.95
N TRP B 156 25.28 4.96 -19.65
CA TRP B 156 25.18 4.68 -21.08
C TRP B 156 25.66 5.79 -22.01
N THR B 157 25.98 5.43 -23.24
CA THR B 157 26.40 6.40 -24.23
C THR B 157 25.15 6.78 -24.98
N ARG B 158 25.27 7.76 -25.86
CA ARG B 158 24.12 8.16 -26.65
C ARG B 158 23.76 7.05 -27.63
N SER B 159 24.79 6.42 -28.20
CA SER B 159 24.58 5.35 -29.16
C SER B 159 23.90 4.18 -28.47
N GLN B 160 24.49 3.77 -27.36
CA GLN B 160 23.96 2.67 -26.57
C GLN B 160 22.48 2.92 -26.24
N PHE B 161 22.17 4.10 -25.71
CA PHE B 161 20.80 4.46 -25.35
C PHE B 161 19.83 4.52 -26.53
N GLN B 162 20.25 5.20 -27.60
CA GLN B 162 19.44 5.36 -28.79
C GLN B 162 19.12 4.05 -29.51
N ASN B 163 20.10 3.15 -29.57
CA ASN B 163 19.88 1.86 -30.22
C ASN B 163 18.81 1.08 -29.49
N TRP B 164 18.90 1.09 -28.16
CA TRP B 164 17.94 0.39 -27.31
C TRP B 164 16.53 0.90 -27.59
N ALA B 165 16.38 2.22 -27.65
CA ALA B 165 15.08 2.83 -27.91
C ALA B 165 14.46 2.32 -29.20
N ASN B 166 15.25 2.33 -30.27
CA ASN B 166 14.78 1.87 -31.57
C ASN B 166 14.43 0.38 -31.55
N LYS B 167 15.21 -0.41 -30.82
CA LYS B 167 14.93 -1.84 -30.71
C LYS B 167 13.49 -1.94 -30.22
N ILE B 168 13.17 -1.11 -29.25
CA ILE B 168 11.84 -1.10 -28.65
C ILE B 168 10.78 -0.83 -29.71
N THR B 169 10.96 0.23 -30.49
CA THR B 169 10.00 0.58 -31.54
C THR B 169 9.88 -0.53 -32.59
N GLU B 170 10.91 -1.35 -32.69
CA GLU B 170 10.91 -2.44 -33.67
C GLU B 170 10.10 -3.64 -33.20
N ARG B 171 10.08 -3.86 -31.88
CA ARG B 171 9.38 -4.99 -31.30
C ARG B 171 8.02 -4.68 -30.68
N PHE B 172 7.82 -3.45 -30.23
CA PHE B 172 6.56 -3.07 -29.61
C PHE B 172 5.82 -1.95 -30.35
N ALA B 173 4.58 -1.69 -29.91
CA ALA B 173 3.72 -0.69 -30.54
C ALA B 173 4.02 0.79 -30.24
N TYR B 174 5.30 1.15 -30.25
CA TYR B 174 5.70 2.52 -29.98
C TYR B 174 6.63 3.15 -31.01
N ASN B 175 6.65 4.47 -30.99
CA ASN B 175 7.51 5.26 -31.84
C ASN B 175 8.39 5.95 -30.81
N VAL B 176 9.50 6.54 -31.25
CA VAL B 176 10.35 7.19 -30.29
C VAL B 176 10.78 8.57 -30.74
N GLN B 177 10.89 9.47 -29.78
CA GLN B 177 11.30 10.84 -30.01
C GLN B 177 12.41 11.11 -29.01
N PHE B 178 13.58 11.53 -29.49
CA PHE B 178 14.67 11.82 -28.57
C PHE B 178 14.71 13.31 -28.23
N GLN B 179 14.79 13.62 -26.94
CA GLN B 179 14.81 15.00 -26.47
C GLN B 179 15.82 15.14 -25.34
N PRO B 180 17.04 15.58 -25.66
CA PRO B 180 18.11 15.76 -24.67
C PRO B 180 17.88 16.98 -23.79
N ILE B 181 18.06 16.84 -22.48
CA ILE B 181 17.87 17.97 -21.58
C ILE B 181 19.23 18.47 -21.14
N GLY B 182 19.43 19.78 -21.25
CA GLY B 182 20.71 20.39 -20.90
C GLY B 182 21.39 20.85 -22.18
N GLU B 183 22.47 21.62 -22.07
CA GLU B 183 23.19 22.10 -23.25
C GLU B 183 24.07 21.04 -23.91
N ALA B 184 24.17 21.08 -25.24
CA ALA B 184 24.97 20.15 -26.02
C ALA B 184 26.48 20.35 -25.80
N ASP B 185 27.32 19.98 -26.76
CA ASP B 185 28.75 20.12 -26.54
C ASP B 185 29.62 20.89 -27.55
N PRO B 186 29.48 20.61 -28.86
CA PRO B 186 28.61 19.67 -29.55
C PRO B 186 29.33 18.40 -29.99
N GLU B 187 30.17 17.85 -29.10
CA GLU B 187 30.88 16.63 -29.40
C GLU B 187 30.26 15.49 -28.61
N VAL B 188 30.19 15.65 -27.29
CA VAL B 188 29.60 14.62 -26.45
C VAL B 188 28.09 14.77 -26.33
N GLY B 189 27.59 15.96 -26.64
CA GLY B 189 26.14 16.20 -26.57
C GLY B 189 25.65 16.73 -25.24
N SER B 190 24.38 16.46 -24.92
CA SER B 190 23.77 16.90 -23.67
C SER B 190 24.15 16.01 -22.49
N PRO B 191 24.01 16.55 -21.25
CA PRO B 191 24.32 15.82 -20.02
C PRO B 191 23.32 14.75 -19.60
N THR B 192 22.09 14.85 -20.09
CA THR B 192 21.06 13.87 -19.75
C THR B 192 20.31 13.43 -20.99
N GLN B 193 20.03 12.14 -21.11
CA GLN B 193 19.30 11.62 -22.26
C GLN B 193 17.85 11.36 -21.92
N MET B 194 16.96 11.58 -22.89
CA MET B 194 15.53 11.36 -22.71
C MET B 194 14.85 10.78 -23.94
N ALA B 195 14.04 9.76 -23.71
CA ALA B 195 13.29 9.13 -24.79
C ALA B 195 11.82 9.21 -24.43
N VAL B 196 11.01 9.60 -25.40
CA VAL B 196 9.58 9.71 -25.20
C VAL B 196 8.91 8.77 -26.20
N PHE B 197 8.39 7.65 -25.70
CA PHE B 197 7.71 6.66 -26.53
C PHE B 197 6.22 6.98 -26.62
N ILE B 198 5.70 7.04 -27.83
CA ILE B 198 4.28 7.32 -28.01
C ILE B 198 3.65 6.04 -28.55
N HIS B 199 2.64 5.54 -27.84
CA HIS B 199 1.97 4.33 -28.28
C HIS B 199 1.34 4.63 -29.63
N ARG B 200 1.32 3.62 -30.50
CA ARG B 200 0.73 3.79 -31.81
C ARG B 200 -0.78 3.48 -31.72
#